data_2KM9
#
_entry.id   2KM9
#
_entity_poly.entity_id   1
_entity_poly.type   'polypeptide(L)'
_entity_poly.pdbx_seq_one_letter_code
;CKGTGKSCSRIAYNCCTGSCRSGKC
;
_entity_poly.pdbx_strand_id   A
#
# COMPACT_ATOMS: atom_id res chain seq x y z
N CYS A 1 2.86 9.03 -0.90
CA CYS A 1 2.46 7.60 -0.93
C CYS A 1 1.04 7.44 -0.38
N LYS A 2 0.60 6.24 -0.16
CA LYS A 2 -0.77 6.03 0.38
C LYS A 2 -0.77 6.20 1.90
N GLY A 3 -0.45 5.17 2.63
CA GLY A 3 -0.42 5.27 4.12
C GLY A 3 -1.07 4.02 4.72
N THR A 4 -0.44 3.40 5.67
CA THR A 4 -1.03 2.19 6.28
C THR A 4 -2.52 2.41 6.55
N GLY A 5 -3.36 1.58 6.01
CA GLY A 5 -4.82 1.77 6.22
C GLY A 5 -5.46 2.01 4.85
N LYS A 6 -4.69 2.52 3.91
CA LYS A 6 -5.24 2.77 2.56
C LYS A 6 -5.27 1.45 1.79
N SER A 7 -5.97 1.38 0.70
CA SER A 7 -6.04 0.10 -0.06
C SER A 7 -5.12 0.13 -1.30
N CYS A 8 -4.32 -0.88 -1.48
CA CYS A 8 -3.43 -0.89 -2.68
C CYS A 8 -3.25 -2.31 -3.22
N SER A 9 -2.68 -2.45 -4.40
CA SER A 9 -2.49 -3.80 -4.99
C SER A 9 -1.01 -4.11 -5.19
N ARG A 10 -0.70 -5.06 -6.01
CA ARG A 10 0.73 -5.42 -6.25
C ARG A 10 1.25 -4.63 -7.44
N ILE A 11 0.72 -3.46 -7.61
CA ILE A 11 1.16 -2.58 -8.72
C ILE A 11 1.54 -1.22 -8.16
N ALA A 12 0.67 -0.62 -7.40
CA ALA A 12 0.98 0.70 -6.79
C ALA A 12 1.86 0.49 -5.56
N TYR A 13 3.13 0.23 -5.77
CA TYR A 13 4.04 -0.01 -4.62
C TYR A 13 4.47 1.31 -3.97
N ASN A 14 3.79 2.39 -4.25
CA ASN A 14 4.18 3.69 -3.63
C ASN A 14 3.46 3.83 -2.28
N CYS A 15 3.54 2.82 -1.46
CA CYS A 15 2.87 2.86 -0.13
C CYS A 15 3.78 3.50 0.91
N CYS A 16 3.25 4.34 1.74
CA CYS A 16 4.09 5.00 2.79
C CYS A 16 4.88 3.97 3.59
N THR A 17 4.43 2.75 3.61
CA THR A 17 5.16 1.69 4.37
C THR A 17 6.03 0.86 3.44
N GLY A 18 5.79 0.98 2.16
CA GLY A 18 6.59 0.20 1.17
C GLY A 18 5.84 -1.07 0.78
N SER A 19 5.63 -1.96 1.71
CA SER A 19 4.90 -3.21 1.39
C SER A 19 3.39 -3.00 1.48
N CYS A 20 2.68 -3.30 0.43
CA CYS A 20 1.21 -3.12 0.43
C CYS A 20 0.51 -4.35 1.02
N ARG A 21 -0.15 -4.19 2.14
CA ARG A 21 -0.86 -5.34 2.76
C ARG A 21 -1.70 -6.04 1.69
N SER A 22 -2.26 -7.18 1.99
CA SER A 22 -3.09 -7.90 0.98
C SER A 22 -4.33 -7.06 0.64
N GLY A 23 -4.13 -5.87 0.18
CA GLY A 23 -5.28 -4.99 -0.17
C GLY A 23 -5.16 -3.68 0.60
N LYS A 24 -4.16 -3.52 1.42
CA LYS A 24 -4.02 -2.25 2.18
C LYS A 24 -2.56 -1.84 2.29
N CYS A 25 -2.29 -0.85 3.09
CA CYS A 25 -0.88 -0.39 3.25
C CYS A 25 -0.37 -0.73 4.66
N CYS A 1 2.98 8.88 -1.27
CA CYS A 1 2.63 7.49 -0.84
C CYS A 1 1.19 7.45 -0.32
N LYS A 2 0.69 6.27 -0.09
CA LYS A 2 -0.70 6.15 0.43
C LYS A 2 -0.70 6.32 1.95
N GLY A 3 -0.50 5.25 2.67
CA GLY A 3 -0.48 5.35 4.16
C GLY A 3 -1.06 4.08 4.75
N THR A 4 -0.36 3.48 5.70
CA THR A 4 -0.88 2.22 6.31
C THR A 4 -2.39 2.35 6.55
N GLY A 5 -3.15 1.42 6.04
CA GLY A 5 -4.63 1.51 6.22
C GLY A 5 -5.24 1.88 4.88
N LYS A 6 -4.44 2.39 3.98
CA LYS A 6 -4.97 2.75 2.63
C LYS A 6 -5.08 1.49 1.79
N SER A 7 -5.92 1.49 0.80
CA SER A 7 -6.08 0.26 -0.03
C SER A 7 -5.26 0.35 -1.33
N CYS A 8 -4.46 -0.64 -1.61
CA CYS A 8 -3.66 -0.62 -2.88
C CYS A 8 -3.60 -2.02 -3.49
N SER A 9 -3.10 -2.14 -4.68
CA SER A 9 -3.04 -3.48 -5.34
C SER A 9 -1.63 -4.06 -5.24
N ARG A 10 -1.38 -5.17 -5.90
CA ARG A 10 -0.02 -5.79 -5.85
C ARG A 10 0.82 -5.25 -6.99
N ILE A 11 0.52 -4.05 -7.37
CA ILE A 11 1.29 -3.39 -8.47
C ILE A 11 1.68 -1.99 -8.02
N ALA A 12 0.75 -1.25 -7.50
CA ALA A 12 1.05 0.13 -7.02
C ALA A 12 1.69 0.06 -5.64
N TYR A 13 2.95 -0.28 -5.58
CA TYR A 13 3.64 -0.37 -4.26
C TYR A 13 4.00 1.01 -3.74
N ASN A 14 3.07 1.93 -3.75
CA ASN A 14 3.38 3.29 -3.25
C ASN A 14 2.84 3.47 -1.82
N CYS A 15 3.09 2.51 -0.98
CA CYS A 15 2.61 2.62 0.43
C CYS A 15 3.68 3.29 1.29
N CYS A 16 3.36 4.40 1.89
CA CYS A 16 4.37 5.11 2.72
C CYS A 16 4.93 4.18 3.80
N THR A 17 4.28 3.08 4.06
CA THR A 17 4.79 2.14 5.11
C THR A 17 5.78 1.15 4.50
N GLY A 18 5.82 1.07 3.20
CA GLY A 18 6.77 0.12 2.53
C GLY A 18 6.04 -0.61 1.41
N SER A 19 5.80 -1.88 1.58
CA SER A 19 5.10 -2.65 0.52
C SER A 19 3.59 -2.56 0.69
N CYS A 20 2.85 -2.76 -0.37
CA CYS A 20 1.38 -2.68 -0.27
C CYS A 20 0.80 -3.97 0.33
N ARG A 21 0.22 -3.90 1.49
CA ARG A 21 -0.35 -5.12 2.10
C ARG A 21 -1.26 -5.82 1.09
N SER A 22 -1.76 -6.98 1.42
CA SER A 22 -2.65 -7.71 0.48
C SER A 22 -3.95 -6.93 0.25
N GLY A 23 -3.85 -5.70 -0.18
CA GLY A 23 -5.06 -4.89 -0.42
C GLY A 23 -4.97 -3.58 0.39
N LYS A 24 -3.91 -3.39 1.13
CA LYS A 24 -3.80 -2.13 1.92
C LYS A 24 -2.35 -1.70 2.06
N CYS A 25 -2.09 -0.77 2.92
CA CYS A 25 -0.69 -0.28 3.11
C CYS A 25 -0.15 -0.77 4.46
N CYS A 1 2.87 8.68 -1.37
CA CYS A 1 2.46 7.33 -0.86
C CYS A 1 1.03 7.37 -0.34
N LYS A 2 0.50 6.24 0.01
CA LYS A 2 -0.90 6.21 0.54
C LYS A 2 -0.88 6.32 2.06
N GLY A 3 -0.26 5.37 2.72
CA GLY A 3 -0.19 5.40 4.21
C GLY A 3 -0.88 4.16 4.76
N THR A 4 -0.29 3.53 5.74
CA THR A 4 -0.91 2.31 6.32
C THR A 4 -2.42 2.53 6.49
N GLY A 5 -3.21 1.63 5.98
CA GLY A 5 -4.69 1.80 6.09
C GLY A 5 -5.24 2.12 4.70
N LYS A 6 -4.39 2.55 3.80
CA LYS A 6 -4.87 2.86 2.42
C LYS A 6 -4.92 1.58 1.62
N SER A 7 -5.90 1.45 0.76
CA SER A 7 -6.01 0.19 -0.06
C SER A 7 -5.14 0.24 -1.30
N CYS A 8 -4.36 -0.78 -1.54
CA CYS A 8 -3.50 -0.80 -2.76
C CYS A 8 -3.53 -2.19 -3.40
N SER A 9 -2.71 -2.43 -4.38
CA SER A 9 -2.72 -3.77 -5.05
C SER A 9 -1.29 -4.24 -5.30
N ARG A 10 -1.13 -5.23 -6.14
CA ARG A 10 0.24 -5.75 -6.44
C ARG A 10 0.80 -4.99 -7.64
N ILE A 11 0.42 -3.78 -7.76
CA ILE A 11 0.92 -2.94 -8.90
C ILE A 11 1.38 -1.57 -8.37
N ALA A 12 0.48 -0.84 -7.78
CA ALA A 12 0.85 0.50 -7.24
C ALA A 12 1.54 0.33 -5.89
N TYR A 13 2.77 -0.11 -5.90
CA TYR A 13 3.50 -0.33 -4.62
C TYR A 13 4.02 0.99 -4.07
N ASN A 14 3.15 1.96 -3.88
CA ASN A 14 3.60 3.26 -3.32
C ASN A 14 3.05 3.42 -1.89
N CYS A 15 3.21 2.40 -1.09
CA CYS A 15 2.71 2.47 0.31
C CYS A 15 3.70 3.24 1.18
N CYS A 16 3.24 4.25 1.88
CA CYS A 16 4.16 5.02 2.74
C CYS A 16 4.66 4.16 3.91
N THR A 17 4.15 2.96 4.04
CA THR A 17 4.60 2.08 5.15
C THR A 17 5.64 1.06 4.67
N GLY A 18 5.85 1.00 3.38
CA GLY A 18 6.86 0.03 2.85
C GLY A 18 6.24 -0.79 1.72
N SER A 19 5.72 -1.95 2.03
CA SER A 19 5.11 -2.81 0.96
C SER A 19 3.59 -2.70 1.00
N CYS A 20 2.94 -3.00 -0.10
CA CYS A 20 1.46 -2.91 -0.14
C CYS A 20 0.84 -4.16 0.48
N ARG A 21 0.23 -4.01 1.63
CA ARG A 21 -0.42 -5.18 2.29
C ARG A 21 -1.33 -5.86 1.27
N SER A 22 -1.82 -7.03 1.58
CA SER A 22 -2.70 -7.75 0.62
C SER A 22 -4.01 -6.96 0.41
N GLY A 23 -3.90 -5.74 -0.01
CA GLY A 23 -5.12 -4.91 -0.23
C GLY A 23 -4.99 -3.58 0.53
N LYS A 24 -3.91 -3.38 1.25
CA LYS A 24 -3.78 -2.08 1.99
C LYS A 24 -2.32 -1.69 2.17
N CYS A 25 -2.08 -0.71 2.98
CA CYS A 25 -0.67 -0.27 3.21
C CYS A 25 -0.21 -0.71 4.60
N CYS A 1 3.23 8.75 -1.16
CA CYS A 1 2.86 7.35 -0.79
C CYS A 1 1.37 7.26 -0.48
N LYS A 2 0.89 6.07 -0.22
CA LYS A 2 -0.56 5.91 0.11
C LYS A 2 -0.78 6.19 1.59
N GLY A 3 -0.38 5.30 2.44
CA GLY A 3 -0.55 5.50 3.91
C GLY A 3 -1.08 4.22 4.55
N THR A 4 -0.39 3.68 5.52
CA THR A 4 -0.86 2.43 6.18
C THR A 4 -2.37 2.52 6.40
N GLY A 5 -3.10 1.48 6.09
CA GLY A 5 -4.57 1.54 6.28
C GLY A 5 -5.21 1.88 4.93
N LYS A 6 -4.43 2.40 4.03
CA LYS A 6 -4.98 2.74 2.69
C LYS A 6 -5.08 1.45 1.87
N SER A 7 -5.83 1.44 0.81
CA SER A 7 -5.94 0.19 0.01
C SER A 7 -5.11 0.27 -1.27
N CYS A 8 -4.29 -0.72 -1.52
CA CYS A 8 -3.47 -0.70 -2.77
C CYS A 8 -3.50 -2.08 -3.44
N SER A 9 -2.90 -2.20 -4.59
CA SER A 9 -2.90 -3.52 -5.29
C SER A 9 -1.48 -4.08 -5.39
N ARG A 10 -1.29 -5.10 -6.18
CA ARG A 10 0.07 -5.68 -6.33
C ARG A 10 0.80 -5.00 -7.48
N ILE A 11 0.49 -3.77 -7.68
CA ILE A 11 1.14 -2.98 -8.78
C ILE A 11 1.52 -1.62 -8.24
N ALA A 12 0.61 -0.96 -7.57
CA ALA A 12 0.91 0.37 -6.99
C ALA A 12 1.66 0.21 -5.68
N TYR A 13 2.93 -0.08 -5.74
CA TYR A 13 3.72 -0.26 -4.50
C TYR A 13 4.09 1.09 -3.90
N ASN A 14 3.13 1.98 -3.79
CA ASN A 14 3.44 3.32 -3.21
C ASN A 14 2.85 3.42 -1.81
N CYS A 15 3.05 2.41 -1.00
CA CYS A 15 2.52 2.45 0.39
C CYS A 15 3.51 3.16 1.30
N CYS A 16 3.09 4.22 1.94
CA CYS A 16 4.02 4.96 2.84
C CYS A 16 4.55 4.04 3.92
N THR A 17 3.93 2.90 4.11
CA THR A 17 4.42 1.96 5.15
C THR A 17 5.53 1.08 4.60
N GLY A 18 5.66 1.01 3.31
CA GLY A 18 6.73 0.18 2.71
C GLY A 18 6.18 -0.63 1.54
N SER A 19 5.61 -1.77 1.81
CA SER A 19 5.04 -2.59 0.70
C SER A 19 3.51 -2.58 0.74
N CYS A 20 2.87 -2.93 -0.34
CA CYS A 20 1.39 -2.92 -0.36
C CYS A 20 0.84 -4.17 0.33
N ARG A 21 0.28 -4.01 1.50
CA ARG A 21 -0.28 -5.18 2.22
C ARG A 21 -1.27 -5.92 1.33
N SER A 22 -1.86 -6.99 1.81
CA SER A 22 -2.82 -7.75 0.98
C SER A 22 -4.06 -6.90 0.66
N GLY A 23 -3.84 -5.77 0.04
CA GLY A 23 -4.97 -4.88 -0.32
C GLY A 23 -4.87 -3.60 0.50
N LYS A 24 -3.82 -3.42 1.24
CA LYS A 24 -3.71 -2.16 2.04
C LYS A 24 -2.26 -1.72 2.18
N CYS A 25 -2.03 -0.76 3.02
CA CYS A 25 -0.65 -0.25 3.23
C CYS A 25 -0.16 -0.61 4.64
N CYS A 1 2.90 8.73 -1.25
CA CYS A 1 2.44 7.33 -1.05
C CYS A 1 1.06 7.33 -0.38
N LYS A 2 0.62 6.19 0.08
CA LYS A 2 -0.72 6.13 0.74
C LYS A 2 -0.56 6.18 2.27
N GLY A 3 -0.56 5.05 2.91
CA GLY A 3 -0.41 5.02 4.40
C GLY A 3 -1.16 3.81 4.96
N THR A 4 -0.60 3.14 5.93
CA THR A 4 -1.27 1.97 6.51
C THR A 4 -2.76 2.25 6.73
N GLY A 5 -3.60 1.53 6.06
CA GLY A 5 -5.06 1.75 6.18
C GLY A 5 -5.61 2.08 4.80
N LYS A 6 -4.77 2.59 3.94
CA LYS A 6 -5.22 2.91 2.56
C LYS A 6 -5.23 1.62 1.74
N SER A 7 -6.02 1.56 0.70
CA SER A 7 -6.07 0.30 -0.11
C SER A 7 -5.16 0.43 -1.35
N CYS A 8 -4.47 -0.62 -1.68
CA CYS A 8 -3.55 -0.58 -2.86
C CYS A 8 -3.61 -1.92 -3.61
N SER A 9 -3.01 -1.98 -4.77
CA SER A 9 -3.03 -3.25 -5.55
C SER A 9 -1.69 -3.99 -5.37
N ARG A 10 -1.51 -5.08 -6.06
CA ARG A 10 -0.23 -5.83 -5.92
C ARG A 10 0.74 -5.36 -7.00
N ILE A 11 0.62 -4.12 -7.35
CA ILE A 11 1.50 -3.54 -8.39
C ILE A 11 1.89 -2.11 -8.00
N ALA A 12 0.96 -1.37 -7.49
CA ALA A 12 1.25 0.04 -7.08
C ALA A 12 1.94 0.05 -5.72
N TYR A 13 3.24 -0.09 -5.71
CA TYR A 13 3.98 -0.10 -4.41
C TYR A 13 4.18 1.32 -3.87
N ASN A 14 3.19 2.15 -3.96
CA ASN A 14 3.34 3.53 -3.43
C ASN A 14 2.80 3.59 -2.00
N CYS A 15 3.23 2.68 -1.18
CA CYS A 15 2.76 2.65 0.24
C CYS A 15 3.72 3.42 1.14
N CYS A 16 3.20 4.30 1.95
CA CYS A 16 4.09 5.08 2.86
C CYS A 16 4.88 4.13 3.77
N THR A 17 4.44 2.90 3.88
CA THR A 17 5.16 1.93 4.74
C THR A 17 6.15 1.11 3.90
N GLY A 18 6.07 1.24 2.61
CA GLY A 18 6.99 0.48 1.72
C GLY A 18 6.18 -0.52 0.90
N SER A 19 6.27 -1.79 1.22
CA SER A 19 5.48 -2.79 0.47
C SER A 19 4.04 -2.79 0.99
N CYS A 20 3.08 -2.75 0.10
CA CYS A 20 1.68 -2.72 0.55
C CYS A 20 1.19 -4.12 0.91
N ARG A 21 0.20 -4.22 1.76
CA ARG A 21 -0.30 -5.57 2.17
C ARG A 21 -1.41 -6.06 1.24
N SER A 22 -2.08 -7.12 1.63
CA SER A 22 -3.16 -7.73 0.81
C SER A 22 -4.29 -6.75 0.48
N GLY A 23 -3.98 -5.64 -0.12
CA GLY A 23 -5.03 -4.67 -0.50
C GLY A 23 -4.97 -3.43 0.38
N LYS A 24 -3.91 -3.26 1.12
CA LYS A 24 -3.82 -2.06 1.99
C LYS A 24 -2.37 -1.67 2.25
N CYS A 25 -2.17 -0.70 3.08
CA CYS A 25 -0.78 -0.26 3.39
C CYS A 25 -0.35 -0.76 4.77
N CYS A 1 3.04 8.87 -0.67
CA CYS A 1 2.68 7.42 -0.70
C CYS A 1 1.23 7.24 -0.27
N LYS A 2 0.79 6.00 -0.14
CA LYS A 2 -0.61 5.76 0.28
C LYS A 2 -0.76 6.07 1.77
N GLY A 3 -0.51 5.11 2.62
CA GLY A 3 -0.63 5.34 4.08
C GLY A 3 -1.25 4.11 4.72
N THR A 4 -0.60 3.53 5.70
CA THR A 4 -1.17 2.32 6.35
C THR A 4 -2.66 2.52 6.58
N GLY A 5 -3.46 1.61 6.09
CA GLY A 5 -4.94 1.77 6.24
C GLY A 5 -5.51 2.12 4.86
N LYS A 6 -4.65 2.56 3.98
CA LYS A 6 -5.10 2.89 2.60
C LYS A 6 -5.23 1.59 1.83
N SER A 7 -5.95 1.58 0.74
CA SER A 7 -6.11 0.32 -0.03
C SER A 7 -5.19 0.31 -1.25
N CYS A 8 -4.48 -0.77 -1.46
CA CYS A 8 -3.59 -0.84 -2.65
C CYS A 8 -3.47 -2.30 -3.13
N SER A 9 -2.62 -2.55 -4.10
CA SER A 9 -2.46 -3.94 -4.61
C SER A 9 -0.98 -4.26 -4.83
N ARG A 10 -0.70 -5.28 -5.58
CA ARG A 10 0.73 -5.63 -5.85
C ARG A 10 1.18 -4.92 -7.12
N ILE A 11 0.64 -3.77 -7.35
CA ILE A 11 1.02 -2.98 -8.56
C ILE A 11 1.48 -1.59 -8.13
N ALA A 12 0.68 -0.92 -7.34
CA ALA A 12 1.06 0.44 -6.89
C ALA A 12 2.07 0.36 -5.74
N TYR A 13 3.34 0.31 -6.06
CA TYR A 13 4.37 0.22 -4.99
C TYR A 13 4.62 1.60 -4.37
N ASN A 14 3.57 2.30 -4.02
CA ASN A 14 3.74 3.64 -3.40
C ASN A 14 3.09 3.63 -2.02
N CYS A 15 3.31 2.59 -1.28
CA CYS A 15 2.70 2.49 0.09
C CYS A 15 3.58 3.19 1.12
N CYS A 16 2.99 4.02 1.95
CA CYS A 16 3.79 4.73 2.98
C CYS A 16 4.57 3.73 3.84
N THR A 17 4.15 2.49 3.84
CA THR A 17 4.88 1.46 4.65
C THR A 17 5.94 0.76 3.80
N GLY A 18 5.89 0.97 2.53
CA GLY A 18 6.89 0.32 1.63
C GLY A 18 6.17 -0.66 0.70
N SER A 19 5.86 -1.83 1.19
CA SER A 19 5.14 -2.82 0.33
C SER A 19 3.64 -2.71 0.52
N CYS A 20 2.87 -3.00 -0.48
CA CYS A 20 1.40 -2.90 -0.35
C CYS A 20 0.83 -4.11 0.39
N ARG A 21 0.09 -3.89 1.44
CA ARG A 21 -0.50 -5.03 2.21
C ARG A 21 -1.50 -5.78 1.34
N SER A 22 -2.00 -6.88 1.80
CA SER A 22 -2.99 -7.69 1.02
C SER A 22 -4.26 -6.87 0.77
N GLY A 23 -4.14 -5.74 0.16
CA GLY A 23 -5.33 -4.90 -0.13
C GLY A 23 -5.22 -3.57 0.61
N LYS A 24 -4.17 -3.36 1.36
CA LYS A 24 -4.04 -2.06 2.09
C LYS A 24 -2.57 -1.72 2.33
N CYS A 25 -2.32 -0.79 3.21
CA CYS A 25 -0.92 -0.39 3.49
C CYS A 25 -0.55 -0.71 4.95
N CYS A 1 2.59 9.00 -0.89
CA CYS A 1 2.37 7.54 -0.64
C CYS A 1 0.91 7.29 -0.24
N LYS A 2 0.55 6.05 -0.09
CA LYS A 2 -0.84 5.72 0.33
C LYS A 2 -1.01 6.00 1.83
N GLY A 3 -0.40 5.19 2.64
CA GLY A 3 -0.50 5.38 4.12
C GLY A 3 -1.12 4.12 4.73
N THR A 4 -0.45 3.52 5.68
CA THR A 4 -1.02 2.28 6.31
C THR A 4 -2.52 2.47 6.53
N GLY A 5 -3.31 1.63 5.93
CA GLY A 5 -4.78 1.76 6.07
C GLY A 5 -5.36 2.05 4.68
N LYS A 6 -4.52 2.53 3.79
CA LYS A 6 -4.98 2.82 2.41
C LYS A 6 -5.04 1.52 1.63
N SER A 7 -5.96 1.40 0.72
CA SER A 7 -6.07 0.14 -0.07
C SER A 7 -5.18 0.19 -1.31
N CYS A 8 -4.39 -0.84 -1.53
CA CYS A 8 -3.50 -0.85 -2.74
C CYS A 8 -3.32 -2.27 -3.27
N SER A 9 -2.83 -2.40 -4.47
CA SER A 9 -2.62 -3.76 -5.04
C SER A 9 -1.13 -4.06 -5.20
N ARG A 10 -0.80 -5.08 -5.94
CA ARG A 10 0.63 -5.43 -6.13
C ARG A 10 1.16 -4.74 -7.39
N ILE A 11 0.63 -3.58 -7.64
CA ILE A 11 1.07 -2.79 -8.83
C ILE A 11 1.49 -1.39 -8.40
N ALA A 12 0.64 -0.71 -7.69
CA ALA A 12 0.99 0.66 -7.22
C ALA A 12 1.90 0.56 -5.99
N TYR A 13 3.18 0.37 -6.20
CA TYR A 13 4.11 0.24 -5.05
C TYR A 13 4.45 1.62 -4.47
N ASN A 14 3.45 2.40 -4.15
CA ASN A 14 3.72 3.74 -3.56
C ASN A 14 3.16 3.78 -2.14
N CYS A 15 3.44 2.76 -1.38
CA CYS A 15 2.93 2.71 0.02
C CYS A 15 3.92 3.37 0.99
N CYS A 16 3.44 4.26 1.82
CA CYS A 16 4.34 4.94 2.78
C CYS A 16 4.91 3.93 3.78
N THR A 17 4.39 2.74 3.80
CA THR A 17 4.91 1.71 4.76
C THR A 17 5.87 0.77 4.04
N GLY A 18 5.94 0.85 2.75
CA GLY A 18 6.86 -0.04 1.99
C GLY A 18 6.05 -1.04 1.17
N SER A 19 5.75 -2.18 1.74
CA SER A 19 4.96 -3.21 0.98
C SER A 19 3.46 -3.02 1.24
N CYS A 20 2.67 -3.17 0.21
CA CYS A 20 1.20 -2.99 0.37
C CYS A 20 0.59 -4.26 0.98
N ARG A 21 -0.05 -4.14 2.11
CA ARG A 21 -0.68 -5.33 2.74
C ARG A 21 -1.59 -6.05 1.73
N SER A 22 -2.21 -7.12 2.14
CA SER A 22 -3.11 -7.87 1.22
C SER A 22 -4.32 -7.01 0.81
N GLY A 23 -4.07 -5.85 0.26
CA GLY A 23 -5.19 -4.98 -0.16
C GLY A 23 -5.08 -3.64 0.57
N LYS A 24 -4.05 -3.43 1.33
CA LYS A 24 -3.93 -2.13 2.05
C LYS A 24 -2.45 -1.75 2.24
N CYS A 25 -2.19 -0.78 3.06
CA CYS A 25 -0.79 -0.33 3.29
C CYS A 25 -0.36 -0.66 4.72
N CYS A 1 3.23 8.57 -0.99
CA CYS A 1 2.72 7.17 -0.85
C CYS A 1 1.29 7.19 -0.30
N LYS A 2 0.74 6.04 -0.05
CA LYS A 2 -0.64 5.98 0.49
C LYS A 2 -0.65 6.19 2.01
N GLY A 3 -0.52 5.12 2.75
CA GLY A 3 -0.51 5.23 4.23
C GLY A 3 -1.24 4.03 4.83
N THR A 4 -0.66 3.39 5.81
CA THR A 4 -1.32 2.20 6.41
C THR A 4 -2.80 2.48 6.64
N GLY A 5 -3.64 1.76 5.94
CA GLY A 5 -5.10 1.98 6.07
C GLY A 5 -5.67 2.25 4.68
N LYS A 6 -4.83 2.70 3.78
CA LYS A 6 -5.31 2.98 2.40
C LYS A 6 -5.37 1.65 1.64
N SER A 7 -6.22 1.55 0.66
CA SER A 7 -6.33 0.26 -0.11
C SER A 7 -5.40 0.28 -1.33
N CYS A 8 -4.66 -0.78 -1.53
CA CYS A 8 -3.74 -0.83 -2.71
C CYS A 8 -3.69 -2.26 -3.27
N SER A 9 -3.02 -2.46 -4.37
CA SER A 9 -2.94 -3.82 -4.96
C SER A 9 -1.49 -4.29 -5.01
N ARG A 10 -1.22 -5.35 -5.72
CA ARG A 10 0.18 -5.85 -5.82
C ARG A 10 0.85 -5.23 -7.03
N ILE A 11 0.46 -4.04 -7.34
CA ILE A 11 1.05 -3.31 -8.50
C ILE A 11 1.41 -1.89 -8.08
N ALA A 12 0.52 -1.24 -7.38
CA ALA A 12 0.82 0.15 -6.92
C ALA A 12 1.63 0.11 -5.64
N TYR A 13 2.91 -0.11 -5.76
CA TYR A 13 3.78 -0.16 -4.55
C TYR A 13 4.10 1.24 -4.04
N ASN A 14 3.09 2.05 -3.89
CA ASN A 14 3.31 3.44 -3.38
C ASN A 14 2.84 3.53 -1.93
N CYS A 15 3.25 2.60 -1.12
CA CYS A 15 2.83 2.59 0.31
C CYS A 15 3.81 3.38 1.18
N CYS A 16 3.30 4.07 2.17
CA CYS A 16 4.20 4.85 3.06
C CYS A 16 5.01 3.92 3.96
N THR A 17 4.59 2.70 4.13
CA THR A 17 5.35 1.76 5.01
C THR A 17 6.27 0.88 4.17
N GLY A 18 6.30 1.09 2.88
CA GLY A 18 7.18 0.27 2.01
C GLY A 18 6.32 -0.57 1.07
N SER A 19 6.31 -1.87 1.24
CA SER A 19 5.46 -2.72 0.37
C SER A 19 4.03 -2.67 0.87
N CYS A 20 3.08 -2.47 0.00
CA CYS A 20 1.67 -2.39 0.44
C CYS A 20 1.10 -3.77 0.71
N ARG A 21 0.27 -3.89 1.71
CA ARG A 21 -0.32 -5.23 2.02
C ARG A 21 -1.21 -5.66 0.85
N SER A 22 -1.52 -6.93 0.77
CA SER A 22 -2.37 -7.42 -0.35
C SER A 22 -3.78 -6.83 -0.24
N GLY A 23 -3.89 -5.53 -0.21
CA GLY A 23 -5.23 -4.90 -0.11
C GLY A 23 -5.14 -3.56 0.64
N LYS A 24 -4.04 -3.32 1.31
CA LYS A 24 -3.92 -2.03 2.05
C LYS A 24 -2.46 -1.66 2.31
N CYS A 25 -2.25 -0.62 3.06
CA CYS A 25 -0.85 -0.19 3.36
C CYS A 25 -0.45 -0.62 4.78
N CYS A 1 2.83 9.09 -0.76
CA CYS A 1 2.45 7.65 -0.76
C CYS A 1 1.05 7.47 -0.17
N LYS A 2 0.62 6.25 -0.02
CA LYS A 2 -0.73 5.99 0.56
C LYS A 2 -0.67 6.09 2.08
N GLY A 3 -0.31 5.03 2.74
CA GLY A 3 -0.23 5.05 4.23
C GLY A 3 -1.00 3.84 4.78
N THR A 4 -0.46 3.19 5.76
CA THR A 4 -1.15 2.01 6.33
C THR A 4 -2.63 2.31 6.51
N GLY A 5 -3.47 1.54 5.89
CA GLY A 5 -4.94 1.79 5.99
C GLY A 5 -5.46 2.11 4.59
N LYS A 6 -4.59 2.57 3.73
CA LYS A 6 -5.01 2.89 2.33
C LYS A 6 -5.07 1.58 1.54
N SER A 7 -5.92 1.50 0.56
CA SER A 7 -6.02 0.23 -0.23
C SER A 7 -5.08 0.26 -1.44
N CYS A 8 -4.29 -0.77 -1.59
CA CYS A 8 -3.36 -0.83 -2.77
C CYS A 8 -3.18 -2.28 -3.21
N SER A 9 -2.61 -2.48 -4.37
CA SER A 9 -2.40 -3.88 -4.86
C SER A 9 -0.91 -4.17 -5.04
N ARG A 10 -0.59 -5.20 -5.76
CA ARG A 10 0.85 -5.53 -6.00
C ARG A 10 1.35 -4.83 -7.25
N ILE A 11 0.78 -3.70 -7.52
CA ILE A 11 1.20 -2.91 -8.70
C ILE A 11 1.49 -1.48 -8.27
N ALA A 12 0.54 -0.85 -7.64
CA ALA A 12 0.76 0.54 -7.15
C ALA A 12 1.54 0.48 -5.83
N TYR A 13 2.81 0.21 -5.92
CA TYR A 13 3.63 0.11 -4.68
C TYR A 13 3.98 1.50 -4.13
N ASN A 14 3.00 2.36 -4.03
CA ASN A 14 3.26 3.72 -3.48
C ASN A 14 2.84 3.76 -2.01
N CYS A 15 3.25 2.78 -1.26
CA CYS A 15 2.88 2.73 0.19
C CYS A 15 3.89 3.51 1.03
N CYS A 16 3.42 4.29 1.95
CA CYS A 16 4.35 5.08 2.81
C CYS A 16 5.32 4.13 3.54
N THR A 17 4.94 2.89 3.70
CA THR A 17 5.86 1.93 4.39
C THR A 17 6.62 1.10 3.35
N GLY A 18 6.08 1.00 2.17
CA GLY A 18 6.78 0.21 1.11
C GLY A 18 6.04 -1.10 0.85
N SER A 19 5.56 -1.75 1.87
CA SER A 19 4.85 -3.04 1.66
C SER A 19 3.33 -2.84 1.72
N CYS A 20 2.64 -3.16 0.67
CA CYS A 20 1.17 -2.99 0.63
C CYS A 20 0.48 -4.27 1.13
N ARG A 21 -0.23 -4.19 2.21
CA ARG A 21 -0.94 -5.41 2.73
C ARG A 21 -1.73 -6.05 1.59
N SER A 22 -2.34 -7.17 1.84
CA SER A 22 -3.13 -7.85 0.77
C SER A 22 -4.34 -7.01 0.39
N GLY A 23 -4.12 -5.79 0.00
CA GLY A 23 -5.26 -4.91 -0.39
C GLY A 23 -5.15 -3.57 0.36
N LYS A 24 -4.14 -3.41 1.18
CA LYS A 24 -4.00 -2.12 1.92
C LYS A 24 -2.53 -1.80 2.16
N CYS A 25 -2.27 -0.87 3.02
CA CYS A 25 -0.85 -0.48 3.29
C CYS A 25 -0.45 -0.89 4.71
N CYS A 1 2.97 8.79 -0.96
CA CYS A 1 2.47 7.38 -0.87
C CYS A 1 1.08 7.37 -0.23
N LYS A 2 0.53 6.20 -0.02
CA LYS A 2 -0.81 6.11 0.61
C LYS A 2 -0.69 6.19 2.14
N GLY A 3 -0.51 5.06 2.79
CA GLY A 3 -0.36 5.07 4.27
C GLY A 3 -1.07 3.85 4.85
N THR A 4 -0.50 3.21 5.84
CA THR A 4 -1.15 2.02 6.43
C THR A 4 -2.62 2.31 6.68
N GLY A 5 -3.49 1.59 6.02
CA GLY A 5 -4.94 1.83 6.18
C GLY A 5 -5.53 2.16 4.81
N LYS A 6 -4.70 2.63 3.92
CA LYS A 6 -5.18 2.96 2.56
C LYS A 6 -5.24 1.69 1.73
N SER A 7 -6.19 1.58 0.84
CA SER A 7 -6.30 0.34 0.02
C SER A 7 -5.37 0.42 -1.21
N CYS A 8 -4.79 -0.70 -1.58
CA CYS A 8 -3.88 -0.72 -2.76
C CYS A 8 -3.81 -2.12 -3.34
N SER A 9 -2.89 -2.37 -4.25
CA SER A 9 -2.78 -3.73 -4.85
C SER A 9 -1.33 -4.23 -4.77
N ARG A 10 -1.05 -5.34 -5.39
CA ARG A 10 0.34 -5.87 -5.36
C ARG A 10 1.09 -5.36 -6.59
N ILE A 11 0.76 -4.19 -7.00
CA ILE A 11 1.42 -3.58 -8.18
C ILE A 11 1.75 -2.11 -7.90
N ALA A 12 0.84 -1.43 -7.25
CA ALA A 12 1.09 0.00 -6.92
C ALA A 12 1.99 0.09 -5.70
N TYR A 13 3.28 0.15 -5.90
CA TYR A 13 4.23 0.23 -4.76
C TYR A 13 4.30 1.66 -4.21
N ASN A 14 3.17 2.30 -4.03
CA ASN A 14 3.17 3.67 -3.48
C ASN A 14 2.68 3.64 -2.04
N CYS A 15 3.21 2.75 -1.26
CA CYS A 15 2.78 2.64 0.17
C CYS A 15 3.76 3.36 1.09
N CYS A 16 3.28 4.19 1.98
CA CYS A 16 4.18 4.91 2.91
C CYS A 16 5.00 3.92 3.75
N THR A 17 4.56 2.69 3.82
CA THR A 17 5.31 1.69 4.64
C THR A 17 6.34 0.97 3.77
N GLY A 18 6.20 1.09 2.48
CA GLY A 18 7.16 0.43 1.55
C GLY A 18 6.42 -0.62 0.74
N SER A 19 5.89 -1.62 1.39
CA SER A 19 5.15 -2.68 0.64
C SER A 19 3.68 -2.69 1.08
N CYS A 20 2.78 -2.54 0.14
CA CYS A 20 1.35 -2.53 0.49
C CYS A 20 0.82 -3.96 0.66
N ARG A 21 0.08 -4.22 1.70
CA ARG A 21 -0.44 -5.61 1.90
C ARG A 21 -1.44 -5.96 0.80
N SER A 22 -1.96 -7.16 0.81
CA SER A 22 -2.90 -7.61 -0.24
C SER A 22 -4.21 -6.79 -0.21
N GLY A 23 -4.11 -5.49 -0.29
CA GLY A 23 -5.35 -4.68 -0.30
C GLY A 23 -5.18 -3.42 0.56
N LYS A 24 -4.03 -3.24 1.17
CA LYS A 24 -3.86 -2.02 2.01
C LYS A 24 -2.39 -1.68 2.22
N CYS A 25 -2.15 -0.69 3.03
CA CYS A 25 -0.75 -0.26 3.31
C CYS A 25 -0.30 -0.75 4.69
N CYS A 1 2.58 9.01 -1.26
CA CYS A 1 2.37 7.59 -0.84
C CYS A 1 0.98 7.42 -0.23
N LYS A 2 0.59 6.20 0.02
CA LYS A 2 -0.75 5.96 0.62
C LYS A 2 -0.65 6.06 2.15
N GLY A 3 -0.53 4.95 2.83
CA GLY A 3 -0.42 4.99 4.32
C GLY A 3 -1.18 3.79 4.91
N THR A 4 -0.62 3.15 5.91
CA THR A 4 -1.31 1.99 6.51
C THR A 4 -2.80 2.28 6.69
N GLY A 5 -3.63 1.50 6.06
CA GLY A 5 -5.11 1.75 6.17
C GLY A 5 -5.62 2.11 4.77
N LYS A 6 -4.74 2.56 3.93
CA LYS A 6 -5.15 2.92 2.54
C LYS A 6 -5.24 1.64 1.71
N SER A 7 -6.03 1.63 0.67
CA SER A 7 -6.15 0.40 -0.16
C SER A 7 -5.20 0.45 -1.36
N CYS A 8 -4.56 -0.64 -1.66
CA CYS A 8 -3.62 -0.66 -2.82
C CYS A 8 -3.64 -2.04 -3.49
N SER A 9 -2.76 -2.27 -4.42
CA SER A 9 -2.73 -3.61 -5.11
C SER A 9 -1.31 -4.18 -5.13
N ARG A 10 -1.10 -5.24 -5.85
CA ARG A 10 0.27 -5.84 -5.90
C ARG A 10 1.02 -5.24 -7.09
N ILE A 11 0.71 -4.02 -7.39
CA ILE A 11 1.39 -3.33 -8.52
C ILE A 11 1.78 -1.92 -8.08
N ALA A 12 0.81 -1.09 -7.81
CA ALA A 12 1.11 0.29 -7.36
C ALA A 12 1.49 0.26 -5.88
N TYR A 13 2.63 -0.29 -5.57
CA TYR A 13 3.07 -0.37 -4.15
C TYR A 13 3.60 0.98 -3.68
N ASN A 14 2.79 2.00 -3.82
CA ASN A 14 3.23 3.35 -3.38
C ASN A 14 2.89 3.54 -1.89
N CYS A 15 3.22 2.57 -1.09
CA CYS A 15 2.93 2.67 0.37
C CYS A 15 4.04 3.43 1.10
N CYS A 16 3.71 4.52 1.73
CA CYS A 16 4.74 5.31 2.45
C CYS A 16 5.51 4.41 3.43
N THR A 17 4.96 3.27 3.77
CA THR A 17 5.66 2.37 4.72
C THR A 17 6.62 1.46 3.97
N GLY A 18 6.21 0.98 2.85
CA GLY A 18 7.08 0.08 2.03
C GLY A 18 6.20 -0.85 1.18
N SER A 19 6.19 -2.11 1.48
CA SER A 19 5.35 -3.06 0.69
C SER A 19 3.88 -2.95 1.15
N CYS A 20 2.97 -2.77 0.23
CA CYS A 20 1.55 -2.64 0.63
C CYS A 20 0.94 -4.01 0.91
N ARG A 21 0.06 -4.09 1.88
CA ARG A 21 -0.58 -5.39 2.22
C ARG A 21 -1.44 -5.88 1.05
N SER A 22 -1.97 -7.07 1.15
CA SER A 22 -2.82 -7.62 0.07
C SER A 22 -4.10 -6.81 -0.10
N GLY A 23 -3.98 -5.54 -0.31
CA GLY A 23 -5.20 -4.70 -0.49
C GLY A 23 -5.13 -3.45 0.39
N LYS A 24 -4.06 -3.28 1.13
CA LYS A 24 -3.95 -2.07 1.99
C LYS A 24 -2.50 -1.73 2.27
N CYS A 25 -2.28 -0.77 3.13
CA CYS A 25 -0.89 -0.37 3.47
C CYS A 25 -0.52 -0.86 4.87
N CYS A 1 2.25 8.93 -1.26
CA CYS A 1 2.09 7.49 -0.87
C CYS A 1 0.68 7.25 -0.33
N LYS A 2 0.40 6.03 0.07
CA LYS A 2 -0.95 5.73 0.61
C LYS A 2 -0.97 5.93 2.12
N GLY A 3 -0.49 4.97 2.86
CA GLY A 3 -0.46 5.09 4.35
C GLY A 3 -1.18 3.88 4.95
N THR A 4 -0.57 3.22 5.90
CA THR A 4 -1.22 2.04 6.52
C THR A 4 -2.70 2.33 6.77
N GLY A 5 -3.55 1.64 6.06
CA GLY A 5 -5.02 1.87 6.19
C GLY A 5 -5.56 2.21 4.82
N LYS A 6 -4.70 2.60 3.92
CA LYS A 6 -5.15 2.93 2.54
C LYS A 6 -5.24 1.64 1.73
N SER A 7 -6.20 1.55 0.85
CA SER A 7 -6.33 0.30 0.02
C SER A 7 -5.41 0.36 -1.19
N CYS A 8 -4.67 -0.69 -1.45
CA CYS A 8 -3.75 -0.67 -2.63
C CYS A 8 -3.76 -2.04 -3.34
N SER A 9 -3.12 -2.12 -4.47
CA SER A 9 -3.09 -3.42 -5.22
C SER A 9 -1.72 -4.07 -5.08
N ARG A 10 -1.50 -5.17 -5.74
CA ARG A 10 -0.17 -5.84 -5.65
C ARG A 10 0.72 -5.35 -6.79
N ILE A 11 0.53 -4.13 -7.16
CA ILE A 11 1.34 -3.52 -8.26
C ILE A 11 1.74 -2.09 -7.89
N ALA A 12 0.86 -1.37 -7.26
CA ALA A 12 1.18 0.02 -6.86
C ALA A 12 2.06 -0.01 -5.60
N TYR A 13 3.33 -0.25 -5.77
CA TYR A 13 4.23 -0.33 -4.60
C TYR A 13 4.58 1.07 -4.11
N ASN A 14 3.59 1.89 -3.85
CA ASN A 14 3.87 3.26 -3.36
C ASN A 14 3.31 3.44 -1.96
N CYS A 15 3.49 2.47 -1.12
CA CYS A 15 2.99 2.58 0.28
C CYS A 15 3.97 3.40 1.12
N CYS A 16 3.50 4.43 1.77
CA CYS A 16 4.40 5.28 2.58
C CYS A 16 5.20 4.43 3.58
N THR A 17 4.78 3.21 3.83
CA THR A 17 5.52 2.36 4.80
C THR A 17 6.49 1.45 4.06
N GLY A 18 6.23 1.20 2.81
CA GLY A 18 7.13 0.32 2.01
C GLY A 18 6.29 -0.56 1.09
N SER A 19 6.27 -1.84 1.33
CA SER A 19 5.44 -2.75 0.48
C SER A 19 4.00 -2.74 0.98
N CYS A 20 3.05 -2.59 0.10
CA CYS A 20 1.64 -2.56 0.53
C CYS A 20 1.08 -3.98 0.70
N ARG A 21 0.14 -4.15 1.58
CA ARG A 21 -0.46 -5.50 1.76
C ARG A 21 -1.45 -5.79 0.63
N SER A 22 -1.80 -7.03 0.42
CA SER A 22 -2.74 -7.38 -0.67
C SER A 22 -4.12 -6.77 -0.43
N GLY A 23 -4.19 -5.48 -0.29
CA GLY A 23 -5.51 -4.83 -0.06
C GLY A 23 -5.32 -3.51 0.69
N LYS A 24 -4.23 -3.34 1.38
CA LYS A 24 -4.03 -2.05 2.12
C LYS A 24 -2.55 -1.77 2.36
N CYS A 25 -2.27 -0.75 3.11
CA CYS A 25 -0.85 -0.37 3.40
C CYS A 25 -0.44 -0.88 4.79
N CYS A 1 3.26 8.66 -0.99
CA CYS A 1 2.63 7.32 -0.81
C CYS A 1 1.24 7.46 -0.20
N LYS A 2 0.59 6.37 0.07
CA LYS A 2 -0.76 6.44 0.69
C LYS A 2 -0.64 6.47 2.21
N GLY A 3 -0.88 5.38 2.87
CA GLY A 3 -0.76 5.37 4.36
C GLY A 3 -1.40 4.10 4.92
N THR A 4 -0.75 3.47 5.87
CA THR A 4 -1.33 2.23 6.44
C THR A 4 -2.82 2.43 6.71
N GLY A 5 -3.63 1.74 5.97
CA GLY A 5 -5.10 1.88 6.13
C GLY A 5 -5.70 2.17 4.76
N LYS A 6 -4.89 2.63 3.85
CA LYS A 6 -5.38 2.90 2.47
C LYS A 6 -5.42 1.59 1.69
N SER A 7 -6.24 1.50 0.68
CA SER A 7 -6.31 0.23 -0.10
C SER A 7 -5.35 0.25 -1.29
N CYS A 8 -4.59 -0.80 -1.49
CA CYS A 8 -3.64 -0.82 -2.65
C CYS A 8 -3.64 -2.21 -3.30
N SER A 9 -2.75 -2.44 -4.24
CA SER A 9 -2.69 -3.77 -4.91
C SER A 9 -1.25 -4.27 -4.98
N ARG A 10 -1.00 -5.32 -5.72
CA ARG A 10 0.38 -5.85 -5.84
C ARG A 10 1.06 -5.23 -7.05
N ILE A 11 0.71 -4.01 -7.32
CA ILE A 11 1.30 -3.28 -8.47
C ILE A 11 1.63 -1.84 -8.05
N ALA A 12 0.72 -1.23 -7.36
CA ALA A 12 0.96 0.18 -6.91
C ALA A 12 1.85 0.17 -5.67
N TYR A 13 3.13 0.03 -5.86
CA TYR A 13 4.06 0.01 -4.70
C TYR A 13 4.31 1.43 -4.19
N ASN A 14 3.27 2.18 -3.97
CA ASN A 14 3.44 3.58 -3.48
C ASN A 14 2.91 3.66 -2.04
N CYS A 15 3.29 2.73 -1.22
CA CYS A 15 2.80 2.71 0.19
C CYS A 15 3.81 3.38 1.11
N CYS A 16 3.36 4.18 2.04
CA CYS A 16 4.30 4.87 2.96
C CYS A 16 5.12 3.83 3.75
N THR A 17 4.65 2.63 3.83
CA THR A 17 5.42 1.58 4.58
C THR A 17 6.34 0.82 3.63
N GLY A 18 6.18 1.05 2.35
CA GLY A 18 7.03 0.34 1.35
C GLY A 18 6.19 -0.74 0.67
N SER A 19 6.28 -1.95 1.14
CA SER A 19 5.46 -3.03 0.52
C SER A 19 4.03 -2.94 1.06
N CYS A 20 3.09 -2.80 0.18
CA CYS A 20 1.68 -2.67 0.63
C CYS A 20 1.07 -4.05 0.91
N ARG A 21 0.13 -4.11 1.81
CA ARG A 21 -0.53 -5.41 2.13
C ARG A 21 -1.45 -5.82 0.98
N SER A 22 -1.80 -7.07 0.90
CA SER A 22 -2.69 -7.55 -0.19
C SER A 22 -4.07 -6.90 -0.08
N GLY A 23 -4.13 -5.60 -0.05
CA GLY A 23 -5.44 -4.91 0.05
C GLY A 23 -5.27 -3.56 0.74
N LYS A 24 -4.20 -3.34 1.46
CA LYS A 24 -4.03 -2.04 2.13
C LYS A 24 -2.56 -1.70 2.37
N CYS A 25 -2.32 -0.65 3.09
CA CYS A 25 -0.92 -0.23 3.38
C CYS A 25 -0.51 -0.66 4.78
N CYS A 1 2.90 8.80 -1.12
CA CYS A 1 2.40 7.42 -0.93
C CYS A 1 1.02 7.43 -0.27
N LYS A 2 0.53 6.29 0.12
CA LYS A 2 -0.81 6.24 0.77
C LYS A 2 -0.66 6.25 2.29
N GLY A 3 -0.66 5.10 2.92
CA GLY A 3 -0.52 5.06 4.41
C GLY A 3 -1.23 3.82 4.94
N THR A 4 -0.67 3.17 5.92
CA THR A 4 -1.30 1.95 6.47
C THR A 4 -2.79 2.21 6.73
N GLY A 5 -3.63 1.54 5.99
CA GLY A 5 -5.10 1.74 6.15
C GLY A 5 -5.70 2.06 4.78
N LYS A 6 -4.89 2.54 3.88
CA LYS A 6 -5.40 2.87 2.52
C LYS A 6 -5.35 1.60 1.66
N SER A 7 -6.27 1.44 0.75
CA SER A 7 -6.28 0.22 -0.09
C SER A 7 -5.34 0.37 -1.29
N CYS A 8 -4.62 -0.66 -1.63
CA CYS A 8 -3.68 -0.58 -2.79
C CYS A 8 -3.66 -1.93 -3.53
N SER A 9 -3.11 -1.96 -4.71
CA SER A 9 -3.05 -3.25 -5.47
C SER A 9 -1.72 -3.95 -5.24
N ARG A 10 -1.52 -5.09 -5.84
CA ARG A 10 -0.24 -5.83 -5.66
C ARG A 10 0.74 -5.42 -6.74
N ILE A 11 0.64 -4.20 -7.17
CA ILE A 11 1.55 -3.69 -8.23
C ILE A 11 1.93 -2.25 -7.90
N ALA A 12 0.98 -1.48 -7.47
CA ALA A 12 1.27 -0.06 -7.11
C ALA A 12 1.90 -0.03 -5.72
N TYR A 13 3.18 -0.27 -5.65
CA TYR A 13 3.85 -0.27 -4.32
C TYR A 13 4.10 1.17 -3.85
N ASN A 14 3.07 1.96 -3.83
CA ASN A 14 3.23 3.37 -3.37
C ASN A 14 2.80 3.49 -1.91
N CYS A 15 3.28 2.60 -1.08
CA CYS A 15 2.90 2.64 0.37
C CYS A 15 3.92 3.45 1.17
N CYS A 16 3.45 4.31 2.04
CA CYS A 16 4.38 5.13 2.86
C CYS A 16 5.32 4.23 3.67
N THR A 17 4.94 3.00 3.90
CA THR A 17 5.82 2.08 4.69
C THR A 17 6.72 1.28 3.76
N GLY A 18 6.32 1.14 2.52
CA GLY A 18 7.14 0.37 1.55
C GLY A 18 6.24 -0.62 0.80
N SER A 19 6.23 -1.85 1.22
CA SER A 19 5.37 -2.86 0.52
C SER A 19 3.93 -2.73 1.04
N CYS A 20 2.98 -2.66 0.15
CA CYS A 20 1.57 -2.53 0.58
C CYS A 20 0.96 -3.90 0.88
N ARG A 21 0.12 -3.97 1.88
CA ARG A 21 -0.52 -5.27 2.22
C ARG A 21 -1.34 -5.77 1.04
N SER A 22 -1.77 -7.00 1.07
CA SER A 22 -2.56 -7.56 -0.06
C SER A 22 -3.92 -6.86 -0.15
N GLY A 23 -3.92 -5.56 -0.26
CA GLY A 23 -5.22 -4.83 -0.36
C GLY A 23 -5.15 -3.52 0.45
N LYS A 24 -4.08 -3.31 1.18
CA LYS A 24 -3.98 -2.04 1.96
C LYS A 24 -2.51 -1.70 2.22
N CYS A 25 -2.28 -0.70 3.01
CA CYS A 25 -0.88 -0.28 3.31
C CYS A 25 -0.46 -0.78 4.70
N CYS A 1 2.77 8.80 -0.52
CA CYS A 1 2.40 7.36 -0.47
C CYS A 1 0.92 7.20 -0.18
N LYS A 2 0.48 6.03 0.20
CA LYS A 2 -0.97 5.83 0.49
C LYS A 2 -1.25 6.14 1.97
N GLY A 3 -0.81 5.30 2.85
CA GLY A 3 -1.06 5.51 4.30
C GLY A 3 -1.56 4.21 4.92
N THR A 4 -0.80 3.62 5.80
CA THR A 4 -1.25 2.34 6.42
C THR A 4 -2.74 2.39 6.72
N GLY A 5 -3.51 1.60 6.01
CA GLY A 5 -4.98 1.61 6.22
C GLY A 5 -5.64 1.92 4.88
N LYS A 6 -4.90 2.49 3.97
CA LYS A 6 -5.47 2.80 2.63
C LYS A 6 -5.47 1.53 1.80
N SER A 7 -6.26 1.47 0.77
CA SER A 7 -6.31 0.24 -0.07
C SER A 7 -5.40 0.38 -1.30
N CYS A 8 -4.65 -0.65 -1.62
CA CYS A 8 -3.75 -0.57 -2.81
C CYS A 8 -3.75 -1.90 -3.56
N SER A 9 -3.08 -1.96 -4.68
CA SER A 9 -3.04 -3.23 -5.47
C SER A 9 -1.67 -3.90 -5.32
N ARG A 10 -1.46 -5.00 -6.00
CA ARG A 10 -0.14 -5.68 -5.90
C ARG A 10 0.76 -5.21 -7.04
N ILE A 11 0.59 -3.97 -7.39
CA ILE A 11 1.40 -3.39 -8.49
C ILE A 11 1.88 -1.99 -8.09
N ALA A 12 1.03 -1.24 -7.46
CA ALA A 12 1.42 0.14 -7.03
C ALA A 12 2.24 0.06 -5.75
N TYR A 13 3.53 -0.14 -5.88
CA TYR A 13 4.39 -0.24 -4.67
C TYR A 13 4.67 1.14 -4.11
N ASN A 14 3.65 1.91 -3.87
CA ASN A 14 3.84 3.27 -3.31
C ASN A 14 3.23 3.33 -1.92
N CYS A 15 3.50 2.35 -1.12
CA CYS A 15 2.92 2.33 0.27
C CYS A 15 3.77 3.16 1.22
N CYS A 16 3.14 3.96 2.03
CA CYS A 16 3.89 4.80 3.00
C CYS A 16 4.99 3.99 3.70
N THR A 17 4.81 2.71 3.83
CA THR A 17 5.85 1.88 4.51
C THR A 17 6.70 1.15 3.47
N GLY A 18 6.24 1.10 2.27
CA GLY A 18 7.02 0.40 1.20
C GLY A 18 6.13 -0.64 0.52
N SER A 19 6.17 -1.86 0.96
CA SER A 19 5.31 -2.91 0.36
C SER A 19 3.89 -2.79 0.90
N CYS A 20 2.91 -2.75 0.05
CA CYS A 20 1.53 -2.60 0.53
C CYS A 20 0.93 -3.94 0.98
N ARG A 21 0.14 -3.93 2.02
CA ARG A 21 -0.47 -5.19 2.51
C ARG A 21 -1.34 -5.83 1.42
N SER A 22 -1.89 -6.99 1.68
CA SER A 22 -2.73 -7.68 0.68
C SER A 22 -4.00 -6.88 0.38
N GLY A 23 -3.87 -5.64 0.00
CA GLY A 23 -5.08 -4.83 -0.32
C GLY A 23 -5.03 -3.51 0.48
N LYS A 24 -3.97 -3.26 1.19
CA LYS A 24 -3.89 -2.00 1.96
C LYS A 24 -2.43 -1.62 2.24
N CYS A 25 -2.23 -0.65 3.08
CA CYS A 25 -0.84 -0.21 3.40
C CYS A 25 -0.51 -0.56 4.86
N CYS A 1 2.80 8.92 -1.40
CA CYS A 1 2.53 7.45 -1.27
C CYS A 1 1.18 7.22 -0.60
N LYS A 2 0.86 5.99 -0.30
CA LYS A 2 -0.46 5.69 0.34
C LYS A 2 -0.41 5.92 1.86
N GLY A 3 -0.41 4.88 2.64
CA GLY A 3 -0.36 5.03 4.12
C GLY A 3 -1.08 3.84 4.78
N THR A 4 -0.50 3.25 5.79
CA THR A 4 -1.16 2.10 6.44
C THR A 4 -2.64 2.36 6.63
N GLY A 5 -3.47 1.55 6.03
CA GLY A 5 -4.94 1.77 6.13
C GLY A 5 -5.48 2.10 4.75
N LYS A 6 -4.63 2.52 3.85
CA LYS A 6 -5.07 2.84 2.48
C LYS A 6 -5.10 1.55 1.66
N SER A 7 -6.02 1.44 0.74
CA SER A 7 -6.11 0.20 -0.08
C SER A 7 -5.18 0.28 -1.30
N CYS A 8 -4.52 -0.80 -1.61
CA CYS A 8 -3.59 -0.80 -2.79
C CYS A 8 -3.59 -2.17 -3.47
N SER A 9 -3.05 -2.24 -4.65
CA SER A 9 -3.01 -3.56 -5.36
C SER A 9 -1.58 -4.10 -5.40
N ARG A 10 -1.32 -5.08 -6.21
CA ARG A 10 0.06 -5.62 -6.30
C ARG A 10 0.82 -4.89 -7.39
N ILE A 11 0.46 -3.65 -7.57
CA ILE A 11 1.13 -2.81 -8.61
C ILE A 11 1.50 -1.46 -7.99
N ALA A 12 0.55 -0.83 -7.34
CA ALA A 12 0.82 0.49 -6.70
C ALA A 12 1.55 0.25 -5.38
N TYR A 13 2.78 -0.17 -5.43
CA TYR A 13 3.54 -0.43 -4.17
C TYR A 13 4.07 0.87 -3.58
N ASN A 14 3.55 2.00 -3.98
CA ASN A 14 4.03 3.28 -3.40
C ASN A 14 3.38 3.50 -2.03
N CYS A 15 3.50 2.53 -1.17
CA CYS A 15 2.89 2.66 0.19
C CYS A 15 3.80 3.49 1.10
N CYS A 16 3.24 4.47 1.76
CA CYS A 16 4.08 5.31 2.66
C CYS A 16 4.85 4.42 3.65
N THR A 17 4.42 3.21 3.83
CA THR A 17 5.11 2.30 4.79
C THR A 17 6.13 1.43 4.06
N GLY A 18 5.92 1.20 2.81
CA GLY A 18 6.87 0.36 2.01
C GLY A 18 6.08 -0.68 1.22
N SER A 19 6.13 -1.92 1.65
CA SER A 19 5.37 -2.98 0.91
C SER A 19 3.90 -2.90 1.32
N CYS A 20 3.00 -2.84 0.37
CA CYS A 20 1.58 -2.75 0.72
C CYS A 20 0.98 -4.10 1.05
N ARG A 21 0.09 -4.15 2.01
CA ARG A 21 -0.57 -5.44 2.38
C ARG A 21 -1.41 -5.93 1.19
N SER A 22 -1.86 -7.15 1.25
CA SER A 22 -2.68 -7.69 0.13
C SER A 22 -4.02 -6.96 0.02
N GLY A 23 -3.98 -5.66 -0.11
CA GLY A 23 -5.25 -4.89 -0.23
C GLY A 23 -5.14 -3.57 0.54
N LYS A 24 -4.08 -3.37 1.27
CA LYS A 24 -3.94 -2.09 2.02
C LYS A 24 -2.48 -1.78 2.33
N CYS A 25 -2.25 -0.82 3.17
CA CYS A 25 -0.85 -0.43 3.53
C CYS A 25 -0.51 -0.89 4.95
N CYS A 1 2.40 9.25 -1.07
CA CYS A 1 2.22 7.79 -0.80
C CYS A 1 0.83 7.51 -0.26
N LYS A 2 0.49 6.26 -0.11
CA LYS A 2 -0.85 5.92 0.42
C LYS A 2 -0.86 6.05 1.95
N GLY A 3 -0.24 5.14 2.63
CA GLY A 3 -0.20 5.21 4.11
C GLY A 3 -0.85 3.96 4.71
N THR A 4 -0.24 3.36 5.69
CA THR A 4 -0.82 2.14 6.29
C THR A 4 -2.32 2.35 6.51
N GLY A 5 -3.14 1.47 5.97
CA GLY A 5 -4.60 1.63 6.12
C GLY A 5 -5.19 1.94 4.75
N LYS A 6 -4.36 2.42 3.86
CA LYS A 6 -4.84 2.74 2.48
C LYS A 6 -4.94 1.45 1.67
N SER A 7 -5.92 1.34 0.82
CA SER A 7 -6.06 0.10 0.01
C SER A 7 -5.19 0.18 -1.25
N CYS A 8 -4.39 -0.81 -1.51
CA CYS A 8 -3.55 -0.78 -2.75
C CYS A 8 -3.48 -2.16 -3.40
N SER A 9 -2.91 -2.25 -4.57
CA SER A 9 -2.83 -3.56 -5.27
C SER A 9 -1.38 -4.06 -5.37
N ARG A 10 -1.15 -5.04 -6.18
CA ARG A 10 0.24 -5.57 -6.34
C ARG A 10 0.93 -4.86 -7.50
N ILE A 11 0.59 -3.62 -7.67
CA ILE A 11 1.20 -2.82 -8.77
C ILE A 11 1.60 -1.44 -8.24
N ALA A 12 0.77 -0.86 -7.44
CA ALA A 12 1.10 0.49 -6.88
C ALA A 12 2.07 0.35 -5.71
N TYR A 13 3.34 0.29 -6.00
CA TYR A 13 4.34 0.15 -4.90
C TYR A 13 4.66 1.50 -4.27
N ASN A 14 3.74 2.42 -4.29
CA ASN A 14 4.00 3.75 -3.66
C ASN A 14 3.33 3.82 -2.29
N CYS A 15 3.54 2.80 -1.50
CA CYS A 15 2.93 2.79 -0.13
C CYS A 15 3.87 3.46 0.88
N CYS A 16 3.39 4.45 1.57
CA CYS A 16 4.24 5.14 2.57
C CYS A 16 4.72 4.15 3.64
N THR A 17 4.14 2.98 3.68
CA THR A 17 4.57 1.98 4.69
C THR A 17 5.62 1.04 4.11
N GLY A 18 5.70 0.97 2.81
CA GLY A 18 6.71 0.09 2.17
C GLY A 18 6.01 -1.04 1.40
N SER A 19 5.54 -2.04 2.09
CA SER A 19 4.85 -3.17 1.39
C SER A 19 3.34 -3.01 1.49
N CYS A 20 2.64 -3.18 0.39
CA CYS A 20 1.17 -3.05 0.41
C CYS A 20 0.52 -4.32 0.95
N ARG A 21 -0.08 -4.24 2.10
CA ARG A 21 -0.74 -5.44 2.70
C ARG A 21 -1.62 -6.12 1.65
N SER A 22 -2.27 -7.20 2.03
CA SER A 22 -3.16 -7.91 1.07
C SER A 22 -4.35 -7.03 0.68
N GLY A 23 -4.08 -5.87 0.16
CA GLY A 23 -5.19 -4.97 -0.25
C GLY A 23 -5.08 -3.66 0.55
N LYS A 24 -4.05 -3.49 1.32
CA LYS A 24 -3.90 -2.23 2.10
C LYS A 24 -2.44 -1.84 2.23
N CYS A 25 -2.16 -0.87 3.04
CA CYS A 25 -0.75 -0.42 3.23
C CYS A 25 -0.27 -0.78 4.64
N CYS A 1 2.59 8.78 -1.03
CA CYS A 1 2.30 7.36 -0.67
C CYS A 1 0.83 7.20 -0.26
N LYS A 2 0.42 6.01 0.04
CA LYS A 2 -0.99 5.77 0.45
C LYS A 2 -1.14 6.04 1.95
N GLY A 3 -0.62 5.16 2.76
CA GLY A 3 -0.71 5.34 4.24
C GLY A 3 -1.32 4.08 4.85
N THR A 4 -0.69 3.52 5.84
CA THR A 4 -1.25 2.29 6.46
C THR A 4 -2.75 2.47 6.71
N GLY A 5 -3.54 1.69 6.03
CA GLY A 5 -5.02 1.81 6.18
C GLY A 5 -5.60 2.13 4.82
N LYS A 6 -4.78 2.59 3.91
CA LYS A 6 -5.28 2.89 2.55
C LYS A 6 -5.38 1.60 1.76
N SER A 7 -6.28 1.52 0.82
CA SER A 7 -6.42 0.27 0.02
C SER A 7 -5.51 0.31 -1.21
N CYS A 8 -4.77 -0.75 -1.44
CA CYS A 8 -3.86 -0.78 -2.63
C CYS A 8 -3.82 -2.19 -3.22
N SER A 9 -3.11 -2.38 -4.29
CA SER A 9 -3.04 -3.74 -4.91
C SER A 9 -1.58 -4.21 -4.97
N ARG A 10 -1.32 -5.26 -5.68
CA ARG A 10 0.09 -5.75 -5.79
C ARG A 10 0.76 -5.13 -7.00
N ILE A 11 0.37 -3.93 -7.30
CA ILE A 11 0.95 -3.21 -8.46
C ILE A 11 1.50 -1.85 -8.03
N ALA A 12 0.72 -1.11 -7.29
CA ALA A 12 1.19 0.24 -6.84
C ALA A 12 2.14 0.09 -5.65
N TYR A 13 3.40 -0.11 -5.90
CA TYR A 13 4.37 -0.25 -4.79
C TYR A 13 4.75 1.12 -4.23
N ASN A 14 3.78 1.93 -3.93
CA ASN A 14 4.10 3.28 -3.37
C ASN A 14 3.48 3.43 -1.98
N CYS A 15 3.60 2.42 -1.17
CA CYS A 15 3.03 2.50 0.21
C CYS A 15 3.98 3.27 1.13
N CYS A 16 3.48 4.24 1.83
CA CYS A 16 4.36 5.03 2.74
C CYS A 16 5.09 4.11 3.72
N THR A 17 4.62 2.91 3.89
CA THR A 17 5.29 1.97 4.83
C THR A 17 6.26 1.07 4.06
N GLY A 18 6.19 1.10 2.77
CA GLY A 18 7.10 0.25 1.94
C GLY A 18 6.25 -0.62 1.01
N SER A 19 6.18 -1.90 1.29
CA SER A 19 5.35 -2.79 0.43
C SER A 19 3.90 -2.75 0.92
N CYS A 20 2.96 -2.52 0.05
CA CYS A 20 1.56 -2.45 0.50
C CYS A 20 0.98 -3.86 0.71
N ARG A 21 0.18 -4.03 1.73
CA ARG A 21 -0.42 -5.36 1.98
C ARG A 21 -1.33 -5.75 0.80
N SER A 22 -1.67 -7.00 0.69
CA SER A 22 -2.55 -7.44 -0.43
C SER A 22 -3.94 -6.84 -0.27
N GLY A 23 -4.03 -5.54 -0.16
CA GLY A 23 -5.36 -4.90 -0.02
C GLY A 23 -5.21 -3.55 0.72
N LYS A 24 -4.11 -3.33 1.38
CA LYS A 24 -3.95 -2.03 2.10
C LYS A 24 -2.47 -1.71 2.32
N CYS A 25 -2.21 -0.66 3.06
CA CYS A 25 -0.80 -0.27 3.34
C CYS A 25 -0.37 -0.74 4.72
N CYS A 1 2.90 8.78 -0.94
CA CYS A 1 2.45 7.36 -0.89
C CYS A 1 1.02 7.27 -0.37
N LYS A 2 0.53 6.09 -0.17
CA LYS A 2 -0.86 5.93 0.36
C LYS A 2 -0.86 6.16 1.88
N GLY A 3 -0.78 5.11 2.65
CA GLY A 3 -0.77 5.27 4.13
C GLY A 3 -1.37 4.04 4.78
N THR A 4 -0.68 3.45 5.72
CA THR A 4 -1.22 2.24 6.39
C THR A 4 -2.70 2.41 6.70
N GLY A 5 -3.53 1.64 6.07
CA GLY A 5 -4.99 1.76 6.28
C GLY A 5 -5.65 2.06 4.94
N LYS A 6 -4.87 2.54 4.01
CA LYS A 6 -5.42 2.85 2.65
C LYS A 6 -5.50 1.54 1.87
N SER A 7 -6.26 1.51 0.81
CA SER A 7 -6.37 0.25 0.02
C SER A 7 -5.45 0.29 -1.21
N CYS A 8 -4.76 -0.78 -1.49
CA CYS A 8 -3.84 -0.79 -2.67
C CYS A 8 -3.79 -2.19 -3.29
N SER A 9 -2.91 -2.40 -4.23
CA SER A 9 -2.79 -3.73 -4.88
C SER A 9 -1.33 -4.16 -4.95
N ARG A 10 -1.04 -5.20 -5.68
CA ARG A 10 0.37 -5.66 -5.79
C ARG A 10 1.01 -5.01 -7.01
N ILE A 11 0.59 -3.82 -7.28
CA ILE A 11 1.15 -3.07 -8.46
C ILE A 11 1.61 -1.69 -8.02
N ALA A 12 0.80 -0.99 -7.29
CA ALA A 12 1.18 0.36 -6.82
C ALA A 12 2.12 0.25 -5.62
N TYR A 13 3.38 0.05 -5.86
CA TYR A 13 4.36 -0.10 -4.75
C TYR A 13 4.73 1.27 -4.17
N ASN A 14 3.78 2.14 -3.98
CA ASN A 14 4.11 3.47 -3.40
C ASN A 14 3.43 3.61 -2.04
N CYS A 15 3.54 2.59 -1.22
CA CYS A 15 2.91 2.64 0.13
C CYS A 15 3.83 3.37 1.11
N CYS A 16 3.27 4.19 1.96
CA CYS A 16 4.12 4.93 2.94
C CYS A 16 4.95 3.95 3.76
N THR A 17 4.57 2.70 3.81
CA THR A 17 5.36 1.71 4.60
C THR A 17 6.28 0.92 3.67
N GLY A 18 6.10 1.06 2.40
CA GLY A 18 6.94 0.31 1.42
C GLY A 18 6.08 -0.72 0.69
N SER A 19 6.12 -1.95 1.11
CA SER A 19 5.28 -2.98 0.44
C SER A 19 3.86 -2.89 0.96
N CYS A 20 2.90 -2.71 0.10
CA CYS A 20 1.50 -2.60 0.56
C CYS A 20 0.91 -3.98 0.87
N ARG A 21 0.09 -4.07 1.88
CA ARG A 21 -0.53 -5.37 2.22
C ARG A 21 -1.43 -5.85 1.09
N SER A 22 -1.87 -7.08 1.14
CA SER A 22 -2.74 -7.62 0.07
C SER A 22 -4.09 -6.91 0.07
N GLY A 23 -4.09 -5.61 -0.03
CA GLY A 23 -5.39 -4.87 -0.05
C GLY A 23 -5.24 -3.55 0.72
N LYS A 24 -4.14 -3.34 1.39
CA LYS A 24 -3.98 -2.07 2.14
C LYS A 24 -2.51 -1.70 2.33
N CYS A 25 -2.26 -0.66 3.07
CA CYS A 25 -0.86 -0.22 3.30
C CYS A 25 -0.39 -0.65 4.69
N CYS A 1 3.27 8.70 -1.15
CA CYS A 1 2.75 7.38 -0.71
C CYS A 1 1.35 7.52 -0.13
N LYS A 2 0.62 6.43 -0.03
CA LYS A 2 -0.75 6.49 0.55
C LYS A 2 -0.68 6.54 2.08
N GLY A 3 -0.40 5.43 2.68
CA GLY A 3 -0.31 5.40 4.17
C GLY A 3 -0.91 4.09 4.68
N THR A 4 -0.21 3.40 5.55
CA THR A 4 -0.75 2.10 6.07
C THR A 4 -2.24 2.25 6.35
N GLY A 5 -3.05 1.48 5.69
CA GLY A 5 -4.53 1.58 5.90
C GLY A 5 -5.19 1.92 4.58
N LYS A 6 -4.42 2.43 3.64
CA LYS A 6 -5.00 2.78 2.31
C LYS A 6 -5.11 1.51 1.48
N SER A 7 -6.12 1.42 0.67
CA SER A 7 -6.30 0.18 -0.15
C SER A 7 -5.43 0.22 -1.41
N CYS A 8 -4.55 -0.74 -1.56
CA CYS A 8 -3.69 -0.78 -2.78
C CYS A 8 -3.50 -2.24 -3.22
N SER A 9 -2.93 -2.46 -4.37
CA SER A 9 -2.75 -3.87 -4.85
C SER A 9 -1.25 -4.23 -4.91
N ARG A 10 -0.93 -5.30 -5.58
CA ARG A 10 0.51 -5.71 -5.69
C ARG A 10 1.14 -5.04 -6.90
N ILE A 11 0.62 -3.91 -7.24
CA ILE A 11 1.17 -3.14 -8.40
C ILE A 11 1.46 -1.71 -7.94
N ALA A 12 0.46 -1.03 -7.47
CA ALA A 12 0.68 0.35 -6.97
C ALA A 12 1.23 0.29 -5.55
N TYR A 13 2.41 -0.25 -5.40
CA TYR A 13 3.00 -0.38 -4.04
C TYR A 13 3.57 0.96 -3.57
N ASN A 14 2.79 2.00 -3.67
CA ASN A 14 3.28 3.33 -3.23
C ASN A 14 2.86 3.57 -1.78
N CYS A 15 3.06 2.59 -0.93
CA CYS A 15 2.69 2.75 0.50
C CYS A 15 3.82 3.46 1.25
N CYS A 16 3.51 4.50 1.96
CA CYS A 16 4.56 5.23 2.71
C CYS A 16 5.21 4.32 3.74
N THR A 17 4.64 3.16 3.98
CA THR A 17 5.23 2.24 5.00
C THR A 17 6.16 1.22 4.32
N GLY A 18 6.09 1.12 3.03
CA GLY A 18 6.98 0.15 2.32
C GLY A 18 6.15 -0.67 1.32
N SER A 19 5.96 -1.94 1.61
CA SER A 19 5.19 -2.81 0.69
C SER A 19 3.68 -2.72 0.98
N CYS A 20 2.87 -2.74 -0.04
CA CYS A 20 1.40 -2.67 0.15
C CYS A 20 0.85 -4.02 0.58
N ARG A 21 0.04 -4.04 1.61
CA ARG A 21 -0.55 -5.34 2.07
C ARG A 21 -1.45 -5.92 0.98
N SER A 22 -1.88 -7.14 1.14
CA SER A 22 -2.76 -7.78 0.12
C SER A 22 -4.10 -7.05 0.03
N GLY A 23 -4.09 -5.77 -0.20
CA GLY A 23 -5.37 -5.02 -0.31
C GLY A 23 -5.22 -3.67 0.39
N LYS A 24 -4.17 -3.46 1.13
CA LYS A 24 -4.01 -2.15 1.83
C LYS A 24 -2.53 -1.78 1.93
N CYS A 25 -2.23 -0.77 2.69
CA CYS A 25 -0.80 -0.35 2.84
C CYS A 25 -0.25 -0.81 4.19
#